data_6CNG
#
_entry.id   6CNG
#
_cell.length_a   52.775
_cell.length_b   103.414
_cell.length_c   67.469
_cell.angle_alpha   90.00
_cell.angle_beta   112.99
_cell.angle_gamma   90.00
#
_symmetry.space_group_name_H-M   'P 1 21 1'
#
loop_
_entity.id
_entity.type
_entity.pdbx_description
1 polymer 'Fatty Acid Kinase (Fak) B3 protein'
2 non-polymer 'LINOLEIC ACID'
3 non-polymer 'SODIUM ION'
4 non-polymer GLYCEROL
5 non-polymer 'ACETATE ION'
6 water water
#
_entity_poly.entity_id   1
_entity_poly.type   'polypeptide(L)'
_entity_poly.pdbx_seq_one_letter_code
;MGSSHHHHHHSSGLVPRGSHMTWKIIADSGCDYRQLPTPAINTTFVSVPLTIQVADQVFVDDASLDIDQMMETMYATAEA
SKSACPSPDDYLRAFEGAKNIFLVTITGTLSGSHNSAQLAKNIYLEDHPDTKIHVIDSLSAGGEVDLLVEKLNDLIDQGL
SFEEVVEAITAYQEKTKLLFVLAKVDNLVKNGRLSKLIGTVVGLLNIRMVGKASETGTLELLQKARGSKKSVQAAYDELV
KAGYAGGRIVMAQRNNEKCCQQLSERIRETFPQADIKILPTSGLCSFYAEEGGLLMGYEID
;
_entity_poly.pdbx_strand_id   A,D
#
# COMPACT_ATOMS: atom_id res chain seq x y z
N MET A 21 3.70 -13.15 -29.82
CA MET A 21 2.87 -13.74 -28.71
C MET A 21 3.70 -13.98 -27.46
N THR A 22 3.83 -12.94 -26.63
CA THR A 22 4.74 -12.96 -25.50
C THR A 22 3.96 -12.94 -24.20
N TRP A 23 4.58 -13.53 -23.18
CA TRP A 23 4.02 -13.68 -21.85
C TRP A 23 5.04 -13.27 -20.79
N LYS A 24 4.55 -12.59 -19.76
CA LYS A 24 5.35 -12.33 -18.57
C LYS A 24 4.59 -12.79 -17.34
N ILE A 25 5.29 -13.48 -16.45
CA ILE A 25 4.83 -13.75 -15.10
C ILE A 25 5.64 -12.86 -14.17
N ILE A 26 4.95 -11.97 -13.48
CA ILE A 26 5.56 -11.00 -12.57
C ILE A 26 5.12 -11.35 -11.15
N ALA A 27 6.05 -11.27 -10.22
CA ALA A 27 5.73 -11.48 -8.82
C ALA A 27 6.55 -10.53 -7.99
N ASP A 28 6.05 -10.17 -6.83
CA ASP A 28 6.88 -9.42 -5.89
C ASP A 28 7.78 -10.39 -5.09
N SER A 29 8.68 -9.82 -4.27
CA SER A 29 9.67 -10.65 -3.56
C SER A 29 9.10 -11.40 -2.32
N GLY A 30 7.77 -11.44 -2.15
CA GLY A 30 7.13 -12.45 -1.37
C GLY A 30 7.11 -13.82 -2.02
N CYS A 31 7.44 -13.88 -3.32
CA CYS A 31 7.78 -15.10 -4.04
C CYS A 31 9.26 -15.38 -3.89
N ASP A 32 9.59 -16.64 -3.66
CA ASP A 32 10.97 -16.99 -3.36
C ASP A 32 11.81 -17.25 -4.60
N TYR A 33 11.20 -17.37 -5.78
CA TYR A 33 11.95 -17.59 -7.01
C TYR A 33 12.69 -16.32 -7.42
N ARG A 34 13.97 -16.46 -7.77
CA ARG A 34 14.65 -15.45 -8.56
C ARG A 34 14.65 -15.82 -10.04
N GLN A 35 14.66 -17.12 -10.33
CA GLN A 35 14.52 -17.67 -11.65
C GLN A 35 13.40 -18.69 -11.59
N LEU A 36 12.56 -18.70 -12.61
CA LEU A 36 11.44 -19.65 -12.67
C LEU A 36 11.95 -20.92 -13.31
N PRO A 37 11.89 -22.06 -12.63
CA PRO A 37 12.34 -23.28 -13.28
C PRO A 37 11.64 -23.48 -14.63
N THR A 38 12.47 -23.70 -15.66
N THR A 38 12.47 -23.70 -15.66
CA THR A 38 12.10 -24.05 -17.03
CA THR A 38 12.10 -24.05 -17.02
C THR A 38 10.95 -23.20 -17.54
C THR A 38 10.95 -23.20 -17.54
N PRO A 39 11.19 -21.93 -17.86
CA PRO A 39 10.11 -21.07 -18.32
C PRO A 39 9.54 -21.57 -19.64
N ALA A 40 8.23 -21.44 -19.78
CA ALA A 40 7.58 -21.80 -21.02
C ALA A 40 8.10 -20.90 -22.15
N ILE A 41 7.78 -21.31 -23.38
CA ILE A 41 8.27 -20.60 -24.54
C ILE A 41 7.60 -19.24 -24.56
N ASN A 42 8.33 -18.26 -25.07
CA ASN A 42 7.83 -16.89 -25.15
C ASN A 42 7.38 -16.36 -23.80
N THR A 43 7.94 -16.87 -22.71
CA THR A 43 7.59 -16.41 -21.38
C THR A 43 8.83 -16.01 -20.59
N THR A 44 8.72 -14.89 -19.91
CA THR A 44 9.77 -14.35 -19.04
C THR A 44 9.22 -14.09 -17.65
N PHE A 45 10.02 -14.42 -16.65
CA PHE A 45 9.69 -14.19 -15.24
C PHE A 45 10.46 -13.00 -14.71
N VAL A 46 9.78 -12.16 -13.92
CA VAL A 46 10.40 -11.00 -13.31
C VAL A 46 9.93 -10.92 -11.87
N SER A 47 10.86 -10.77 -10.96
CA SER A 47 10.50 -10.45 -9.59
C SER A 47 10.71 -8.99 -9.31
N VAL A 48 9.75 -8.40 -8.62
CA VAL A 48 9.76 -6.99 -8.26
C VAL A 48 10.08 -6.89 -6.79
N PRO A 49 11.24 -6.33 -6.43
CA PRO A 49 11.67 -6.37 -5.04
C PRO A 49 10.93 -5.41 -4.14
N LEU A 50 10.62 -5.87 -2.95
CA LEU A 50 10.35 -4.98 -1.84
C LEU A 50 11.66 -4.56 -1.20
N THR A 51 11.58 -3.62 -0.27
CA THR A 51 12.76 -3.14 0.41
C THR A 51 12.62 -3.36 1.89
N ILE A 52 13.77 -3.47 2.55
CA ILE A 52 13.87 -3.57 4.00
C ILE A 52 14.87 -2.53 4.48
N GLN A 53 14.42 -1.61 5.32
CA GLN A 53 15.26 -0.55 5.84
C GLN A 53 15.77 -0.93 7.22
N VAL A 54 17.09 -0.95 7.39
CA VAL A 54 17.73 -1.17 8.69
C VAL A 54 18.56 0.05 9.02
N ALA A 55 18.13 0.82 10.02
CA ALA A 55 18.70 2.14 10.35
C ALA A 55 18.67 3.01 9.08
N ASP A 56 19.77 3.66 8.69
CA ASP A 56 19.80 4.48 7.48
C ASP A 56 20.35 3.73 6.25
N GLN A 57 20.33 2.39 6.27
CA GLN A 57 20.71 1.56 5.14
C GLN A 57 19.49 0.86 4.54
N VAL A 58 19.45 0.77 3.24
CA VAL A 58 18.34 0.14 2.54
C VAL A 58 18.83 -1.09 1.80
N PHE A 59 18.08 -2.17 1.92
CA PHE A 59 18.37 -3.41 1.24
C PHE A 59 17.23 -3.65 0.26
N VAL A 60 17.59 -3.88 -0.98
CA VAL A 60 16.62 -4.17 -2.02
C VAL A 60 16.61 -5.67 -2.23
N ASP A 61 15.42 -6.27 -2.20
CA ASP A 61 15.27 -7.71 -2.21
C ASP A 61 15.18 -8.23 -3.63
N ASP A 62 16.30 -8.08 -4.33
CA ASP A 62 16.53 -8.70 -5.62
C ASP A 62 17.62 -9.74 -5.44
N ALA A 63 17.96 -10.42 -6.53
CA ALA A 63 18.89 -11.54 -6.44
C ALA A 63 20.31 -11.12 -6.09
N SER A 64 20.64 -9.83 -6.24
CA SER A 64 21.91 -9.28 -5.76
C SER A 64 22.03 -9.30 -4.24
N LEU A 65 20.90 -9.40 -3.52
CA LEU A 65 20.94 -9.19 -2.08
C LEU A 65 21.65 -10.32 -1.36
N ASP A 66 22.62 -9.95 -0.53
CA ASP A 66 23.20 -10.88 0.44
C ASP A 66 22.19 -10.97 1.57
N ILE A 67 21.37 -12.02 1.55
CA ILE A 67 20.33 -12.13 2.56
C ILE A 67 20.96 -12.31 3.94
N ASP A 68 22.05 -13.08 4.01
CA ASP A 68 22.66 -13.34 5.31
C ASP A 68 23.20 -12.07 5.96
N GLN A 69 23.74 -11.15 5.16
CA GLN A 69 24.28 -9.91 5.71
C GLN A 69 23.16 -8.99 6.13
N MET A 70 22.06 -8.97 5.40
CA MET A 70 20.92 -8.17 5.79
C MET A 70 20.37 -8.63 7.13
N MET A 71 20.17 -9.92 7.28
CA MET A 71 19.63 -10.43 8.53
C MET A 71 20.56 -10.13 9.70
N GLU A 72 21.87 -10.36 9.52
CA GLU A 72 22.84 -10.08 10.58
C GLU A 72 22.73 -8.63 11.02
N THR A 73 22.61 -7.73 10.06
CA THR A 73 22.50 -6.31 10.36
C THR A 73 21.20 -6.03 11.08
N MET A 74 20.12 -6.65 10.64
CA MET A 74 18.83 -6.42 11.27
C MET A 74 18.87 -6.86 12.72
N TYR A 75 19.41 -8.03 12.97
CA TYR A 75 19.38 -8.52 14.32
C TYR A 75 20.34 -7.75 15.20
N ALA A 76 21.37 -7.15 14.62
CA ALA A 76 22.33 -6.35 15.35
C ALA A 76 21.82 -4.98 15.73
N THR A 77 20.73 -4.56 15.14
CA THR A 77 20.28 -3.19 15.27
C THR A 77 19.14 -3.20 16.25
N ALA A 78 19.31 -2.48 17.34
CA ALA A 78 18.27 -2.42 18.35
C ALA A 78 17.04 -1.71 17.82
N GLU A 79 17.22 -0.68 17.02
CA GLU A 79 16.10 -0.05 16.35
C GLU A 79 15.39 -1.03 15.42
N ALA A 80 14.08 -0.99 15.42
CA ALA A 80 13.28 -1.89 14.60
C ALA A 80 13.55 -1.61 13.12
N SER A 81 13.53 -2.68 12.33
CA SER A 81 13.62 -2.59 10.88
C SER A 81 12.21 -2.61 10.28
N LYS A 82 12.09 -2.12 9.04
CA LYS A 82 10.81 -1.86 8.38
C LYS A 82 10.84 -2.33 6.93
N SER A 83 9.74 -2.85 6.43
CA SER A 83 9.63 -3.17 5.00
C SER A 83 8.79 -2.13 4.25
N ALA A 84 8.99 -2.09 2.92
CA ALA A 84 8.18 -1.24 2.05
C ALA A 84 7.87 -1.98 0.76
N CYS A 85 6.74 -1.64 0.19
CA CYS A 85 6.23 -2.34 -0.98
C CYS A 85 6.71 -1.66 -2.26
N PRO A 86 6.54 -2.31 -3.41
CA PRO A 86 6.97 -1.69 -4.65
C PRO A 86 6.09 -0.52 -5.07
N SER A 87 6.72 0.42 -5.72
CA SER A 87 6.02 1.52 -6.31
C SER A 87 5.23 1.03 -7.51
N PRO A 88 4.14 1.70 -7.83
CA PRO A 88 3.46 1.41 -9.08
C PRO A 88 4.39 1.48 -10.26
N ASP A 89 5.32 2.45 -10.24
CA ASP A 89 6.29 2.61 -11.31
C ASP A 89 7.18 1.39 -11.44
N ASP A 90 7.54 0.77 -10.32
CA ASP A 90 8.30 -0.47 -10.38
C ASP A 90 7.54 -1.54 -11.15
N TYR A 91 6.23 -1.58 -10.98
CA TYR A 91 5.42 -2.53 -11.74
C TYR A 91 5.35 -2.13 -13.21
N LEU A 92 5.21 -0.84 -13.50
CA LEU A 92 5.14 -0.40 -14.89
C LEU A 92 6.38 -0.79 -15.68
N ARG A 93 7.56 -0.63 -15.08
CA ARG A 93 8.79 -1.05 -15.73
C ARG A 93 8.75 -2.51 -16.10
N ALA A 94 8.27 -3.33 -15.18
CA ALA A 94 8.28 -4.77 -15.38
C ALA A 94 7.34 -5.22 -16.49
N PHE A 95 6.35 -4.42 -16.83
CA PHE A 95 5.41 -4.80 -17.85
C PHE A 95 6.00 -4.78 -19.25
N GLU A 96 7.09 -4.06 -19.48
CA GLU A 96 7.51 -3.76 -20.84
C GLU A 96 7.91 -5.00 -21.62
N GLY A 97 7.55 -5.02 -22.90
CA GLY A 97 7.94 -6.12 -23.79
C GLY A 97 7.10 -7.37 -23.72
N ALA A 98 5.88 -7.29 -23.17
CA ALA A 98 5.01 -8.45 -23.08
C ALA A 98 3.59 -8.05 -23.41
N LYS A 99 2.87 -8.95 -24.07
CA LYS A 99 1.48 -8.71 -24.43
C LYS A 99 0.48 -9.37 -23.47
N ASN A 100 0.89 -10.44 -22.83
CA ASN A 100 0.07 -11.21 -21.90
C ASN A 100 0.79 -11.23 -20.56
N ILE A 101 0.22 -10.60 -19.52
CA ILE A 101 0.90 -10.39 -18.25
C ILE A 101 0.05 -10.86 -17.08
N PHE A 102 0.63 -11.70 -16.24
CA PHE A 102 0.08 -12.09 -14.95
C PHE A 102 0.99 -11.56 -13.85
N LEU A 103 0.36 -11.08 -12.80
CA LEU A 103 1.08 -10.44 -11.72
C LEU A 103 0.52 -11.02 -10.44
N VAL A 104 1.35 -11.72 -9.70
CA VAL A 104 0.98 -12.28 -8.42
C VAL A 104 1.68 -11.47 -7.35
N THR A 105 0.91 -10.94 -6.43
CA THR A 105 1.44 -10.25 -5.28
C THR A 105 1.25 -11.05 -4.01
N ILE A 106 2.11 -10.75 -3.06
CA ILE A 106 1.89 -11.14 -1.69
C ILE A 106 0.56 -10.56 -1.21
N THR A 107 0.03 -11.18 -0.15
CA THR A 107 -1.25 -10.78 0.41
C THR A 107 -1.44 -9.27 0.42
N GLY A 108 -2.51 -8.82 -0.22
CA GLY A 108 -2.82 -7.42 -0.23
C GLY A 108 -3.41 -6.91 1.04
N THR A 109 -3.58 -7.77 2.04
CA THR A 109 -4.06 -7.31 3.33
C THR A 109 -2.93 -6.83 4.23
N LEU A 110 -1.76 -7.46 4.13
CA LEU A 110 -0.63 -7.09 4.95
C LEU A 110 0.39 -6.22 4.24
N SER A 111 0.24 -6.01 2.93
CA SER A 111 1.17 -5.20 2.18
C SER A 111 0.41 -4.48 1.07
N GLY A 112 0.89 -3.29 0.75
CA GLY A 112 0.34 -2.51 -0.32
C GLY A 112 0.84 -2.89 -1.71
N SER A 113 1.54 -4.01 -1.80
CA SER A 113 2.04 -4.45 -3.09
C SER A 113 0.89 -4.60 -4.08
N HIS A 114 -0.18 -5.25 -3.66
CA HIS A 114 -1.29 -5.47 -4.56
C HIS A 114 -1.95 -4.17 -4.95
N ASN A 115 -2.07 -3.22 -4.02
CA ASN A 115 -2.65 -1.93 -4.36
C ASN A 115 -1.85 -1.23 -5.44
N SER A 116 -0.52 -1.26 -5.32
N SER A 116 -0.52 -1.24 -5.33
CA SER A 116 0.35 -0.68 -6.33
CA SER A 116 0.31 -0.65 -6.37
C SER A 116 0.22 -1.41 -7.66
C SER A 116 0.16 -1.40 -7.68
N ALA A 117 0.05 -2.73 -7.61
CA ALA A 117 -0.12 -3.52 -8.82
C ALA A 117 -1.43 -3.20 -9.50
N GLN A 118 -2.47 -3.00 -8.72
CA GLN A 118 -3.76 -2.69 -9.31
C GLN A 118 -3.69 -1.39 -10.05
N LEU A 119 -3.00 -0.42 -9.49
CA LEU A 119 -2.89 0.89 -10.13
C LEU A 119 -2.02 0.80 -11.36
N ALA A 120 -0.89 0.13 -11.27
CA ALA A 120 -0.01 -0.05 -12.43
C ALA A 120 -0.76 -0.64 -13.60
N LYS A 121 -1.61 -1.64 -13.34
CA LYS A 121 -2.35 -2.25 -14.44
C LYS A 121 -3.21 -1.22 -15.13
N ASN A 122 -3.98 -0.47 -14.35
CA ASN A 122 -4.88 0.50 -14.93
C ASN A 122 -4.12 1.62 -15.64
N ILE A 123 -2.93 1.97 -15.16
CA ILE A 123 -2.13 3.02 -15.79
C ILE A 123 -1.55 2.52 -17.08
N TYR A 124 -1.02 1.30 -17.08
CA TYR A 124 -0.39 0.80 -18.29
C TYR A 124 -1.39 0.70 -19.43
N LEU A 125 -2.58 0.16 -19.16
CA LEU A 125 -3.59 -0.04 -20.19
C LEU A 125 -4.11 1.27 -20.75
N GLU A 126 -3.81 2.38 -20.12
CA GLU A 126 -4.05 3.66 -20.76
C GLU A 126 -2.99 3.94 -21.80
N ASP A 127 -1.76 3.53 -21.52
CA ASP A 127 -0.61 3.80 -22.38
C ASP A 127 -0.48 2.76 -23.49
N HIS A 128 -0.78 1.49 -23.20
CA HIS A 128 -0.63 0.40 -24.15
C HIS A 128 -1.91 -0.43 -24.17
N PRO A 129 -2.88 -0.06 -24.99
CA PRO A 129 -4.17 -0.77 -24.99
C PRO A 129 -4.13 -2.20 -25.49
N ASP A 130 -3.23 -2.57 -26.40
CA ASP A 130 -3.20 -3.95 -26.88
C ASP A 130 -2.36 -4.82 -25.95
N THR A 131 -2.77 -4.87 -24.68
CA THR A 131 -2.11 -5.67 -23.67
C THR A 131 -3.16 -6.24 -22.73
N LYS A 132 -2.91 -7.46 -22.26
CA LYS A 132 -3.79 -8.11 -21.29
C LYS A 132 -3.01 -8.35 -20.00
N ILE A 133 -3.63 -8.01 -18.87
CA ILE A 133 -2.98 -8.09 -17.57
C ILE A 133 -3.97 -8.61 -16.56
N HIS A 134 -3.56 -9.60 -15.78
CA HIS A 134 -4.36 -10.17 -14.71
C HIS A 134 -3.56 -10.11 -13.42
N VAL A 135 -4.07 -9.38 -12.44
CA VAL A 135 -3.43 -9.21 -11.14
C VAL A 135 -4.08 -10.19 -10.17
N ILE A 136 -3.23 -10.97 -9.52
CA ILE A 136 -3.65 -11.98 -8.57
C ILE A 136 -3.14 -11.53 -7.23
N ASP A 137 -4.04 -11.24 -6.33
CA ASP A 137 -3.71 -11.18 -4.92
C ASP A 137 -3.70 -12.62 -4.39
N SER A 138 -2.50 -13.09 -4.04
CA SER A 138 -2.37 -14.43 -3.51
C SER A 138 -3.04 -14.61 -2.16
N LEU A 139 -3.21 -13.51 -1.42
CA LEU A 139 -3.62 -13.56 -0.02
C LEU A 139 -2.68 -14.45 0.79
N SER A 140 -1.41 -14.47 0.40
CA SER A 140 -0.48 -15.44 0.93
C SER A 140 0.95 -14.91 0.79
N ALA A 141 1.90 -15.81 0.89
CA ALA A 141 3.30 -15.46 0.71
C ALA A 141 4.07 -16.75 0.54
N GLY A 142 5.34 -16.63 0.17
CA GLY A 142 6.20 -17.80 0.29
C GLY A 142 5.78 -18.93 -0.63
N GLY A 143 5.81 -20.16 -0.09
CA GLY A 143 5.62 -21.34 -0.91
C GLY A 143 4.34 -21.37 -1.72
N GLU A 144 3.27 -20.76 -1.21
CA GLU A 144 2.02 -20.77 -1.96
C GLU A 144 2.09 -19.87 -3.18
N VAL A 145 2.71 -18.70 -3.04
CA VAL A 145 2.97 -17.87 -4.20
C VAL A 145 3.85 -18.60 -5.19
N ASP A 146 4.84 -19.30 -4.69
CA ASP A 146 5.70 -20.06 -5.58
C ASP A 146 4.90 -21.06 -6.39
N LEU A 147 3.99 -21.81 -5.75
CA LEU A 147 3.15 -22.74 -6.47
C LEU A 147 2.32 -22.04 -7.53
N LEU A 148 1.79 -20.87 -7.20
CA LEU A 148 0.96 -20.17 -8.17
C LEU A 148 1.76 -19.80 -9.39
N VAL A 149 2.99 -19.36 -9.18
CA VAL A 149 3.83 -18.98 -10.30
C VAL A 149 4.22 -20.18 -11.13
N GLU A 150 4.56 -21.28 -10.48
CA GLU A 150 4.81 -22.51 -11.19
C GLU A 150 3.60 -22.92 -12.02
N LYS A 151 2.40 -22.78 -11.46
CA LYS A 151 1.22 -23.20 -12.18
C LYS A 151 0.94 -22.30 -13.37
N LEU A 152 1.10 -21.00 -13.21
CA LEU A 152 0.90 -20.15 -14.36
C LEU A 152 1.82 -20.61 -15.50
N ASN A 153 3.07 -20.91 -15.18
CA ASN A 153 4.00 -21.39 -16.18
C ASN A 153 3.54 -22.69 -16.79
N ASP A 154 3.14 -23.64 -15.95
CA ASP A 154 2.53 -24.86 -16.44
C ASP A 154 1.45 -24.56 -17.45
N LEU A 155 0.46 -23.74 -17.06
CA LEU A 155 -0.69 -23.46 -17.91
C LEU A 155 -0.30 -22.87 -19.24
N ILE A 156 0.72 -22.01 -19.26
CA ILE A 156 1.15 -21.43 -20.53
C ILE A 156 1.82 -22.47 -21.40
N ASP A 157 2.72 -23.26 -20.81
CA ASP A 157 3.31 -24.40 -21.51
C ASP A 157 2.24 -25.29 -22.11
N GLN A 158 1.11 -25.37 -21.47
CA GLN A 158 0.04 -26.23 -21.95
C GLN A 158 -0.68 -25.66 -23.16
N GLY A 159 -0.49 -24.40 -23.48
CA GLY A 159 -1.04 -23.86 -24.70
C GLY A 159 -2.33 -23.12 -24.54
N LEU A 160 -2.68 -22.69 -23.34
CA LEU A 160 -3.94 -22.00 -23.10
C LEU A 160 -3.85 -20.54 -23.56
N SER A 161 -5.01 -19.98 -23.81
CA SER A 161 -5.14 -18.58 -24.12
C SER A 161 -5.03 -17.77 -22.84
N PHE A 162 -4.88 -16.47 -22.98
CA PHE A 162 -4.82 -15.63 -21.81
C PHE A 162 -6.04 -15.88 -20.94
N GLU A 163 -7.23 -15.88 -21.55
CA GLU A 163 -8.43 -15.97 -20.73
C GLU A 163 -8.60 -17.37 -20.19
N GLU A 164 -8.15 -18.39 -20.92
CA GLU A 164 -8.11 -19.73 -20.37
C GLU A 164 -7.21 -19.79 -19.15
N VAL A 165 -6.07 -19.09 -19.17
CA VAL A 165 -5.16 -19.14 -18.03
C VAL A 165 -5.76 -18.44 -16.82
N VAL A 166 -6.36 -17.28 -17.01
CA VAL A 166 -7.04 -16.60 -15.91
C VAL A 166 -8.03 -17.53 -15.24
N GLU A 167 -8.83 -18.22 -16.03
CA GLU A 167 -9.84 -19.13 -15.49
C GLU A 167 -9.18 -20.23 -14.68
N ALA A 168 -8.17 -20.87 -15.24
CA ALA A 168 -7.58 -22.03 -14.60
C ALA A 168 -6.82 -21.65 -13.33
N ILE A 169 -6.16 -20.48 -13.31
CA ILE A 169 -5.40 -20.09 -12.13
C ILE A 169 -6.32 -19.62 -11.02
N THR A 170 -7.45 -19.01 -11.36
CA THR A 170 -8.42 -18.69 -10.34
C THR A 170 -8.92 -19.96 -9.68
N ALA A 171 -9.17 -20.98 -10.47
CA ALA A 171 -9.59 -22.26 -9.90
C ALA A 171 -8.49 -22.88 -9.09
N TYR A 172 -7.24 -22.82 -9.58
CA TYR A 172 -6.15 -23.46 -8.87
C TYR A 172 -5.93 -22.82 -7.51
N GLN A 173 -6.12 -21.52 -7.42
CA GLN A 173 -5.95 -20.82 -6.17
C GLN A 173 -6.93 -21.27 -5.09
N GLU A 174 -8.05 -21.88 -5.46
CA GLU A 174 -8.90 -22.49 -4.45
C GLU A 174 -8.29 -23.77 -3.92
N LYS A 175 -7.38 -24.41 -4.68
CA LYS A 175 -6.75 -25.67 -4.38
C LYS A 175 -5.44 -25.52 -3.62
N THR A 176 -5.01 -24.30 -3.34
CA THR A 176 -3.71 -24.05 -2.74
C THR A 176 -3.88 -23.35 -1.39
N LYS A 177 -2.99 -23.71 -0.46
CA LYS A 177 -3.03 -23.24 0.91
C LYS A 177 -1.61 -22.95 1.40
N LEU A 178 -1.51 -22.33 2.59
CA LEU A 178 -0.23 -22.08 3.24
C LEU A 178 -0.27 -22.49 4.71
N LEU A 179 0.74 -23.20 5.15
CA LEU A 179 1.00 -23.40 6.56
C LEU A 179 2.37 -22.82 6.85
N PHE A 180 2.52 -22.19 7.99
CA PHE A 180 3.83 -21.68 8.41
C PHE A 180 4.16 -22.17 9.81
N VAL A 181 5.44 -22.29 10.08
CA VAL A 181 5.93 -22.46 11.43
C VAL A 181 7.00 -21.42 11.70
N LEU A 182 6.77 -20.63 12.71
CA LEU A 182 7.68 -19.56 13.05
C LEU A 182 8.17 -19.74 14.47
N ALA A 183 9.48 -19.74 14.63
CA ALA A 183 10.11 -19.68 15.94
C ALA A 183 10.20 -18.26 16.46
N LYS A 184 10.16 -17.27 15.60
CA LYS A 184 10.19 -15.89 16.06
C LYS A 184 9.23 -15.11 15.19
N VAL A 185 8.55 -14.15 15.80
CA VAL A 185 7.57 -13.34 15.08
C VAL A 185 7.73 -11.87 15.42
N ASP A 186 8.89 -11.52 15.94
CA ASP A 186 9.08 -10.17 16.45
C ASP A 186 8.98 -9.13 15.35
N ASN A 187 9.51 -9.43 14.17
CA ASN A 187 9.45 -8.43 13.12
C ASN A 187 8.03 -8.23 12.62
N LEU A 188 7.25 -9.29 12.55
CA LEU A 188 5.83 -9.15 12.26
C LEU A 188 5.15 -8.20 13.25
N VAL A 189 5.36 -8.43 14.54
CA VAL A 189 4.73 -7.57 15.54
C VAL A 189 5.23 -6.13 15.41
N LYS A 190 6.55 -5.96 15.33
CA LYS A 190 7.12 -4.62 15.27
C LYS A 190 6.61 -3.81 14.10
N ASN A 191 6.19 -4.49 13.03
CA ASN A 191 5.73 -3.84 11.82
C ASN A 191 4.22 -3.80 11.71
N GLY A 192 3.52 -4.20 12.77
CA GLY A 192 2.06 -4.11 12.80
C GLY A 192 1.33 -5.09 11.92
N ARG A 193 1.88 -6.30 11.75
CA ARG A 193 1.28 -7.34 10.94
C ARG A 193 0.87 -8.56 11.76
N LEU A 194 1.00 -8.47 13.07
CA LEU A 194 0.56 -9.50 13.99
C LEU A 194 0.36 -8.79 15.33
N SER A 195 -0.74 -9.11 16.01
CA SER A 195 -1.07 -8.45 17.27
C SER A 195 -0.11 -8.89 18.36
N LYS A 196 0.17 -7.97 19.29
CA LYS A 196 0.77 -8.32 20.57
C LYS A 196 -0.01 -9.40 21.29
N LEU A 197 -1.34 -9.42 21.15
CA LEU A 197 -2.20 -10.50 21.65
C LEU A 197 -1.65 -11.87 21.26
N ILE A 198 -1.65 -12.17 19.97
CA ILE A 198 -1.14 -13.45 19.49
C ILE A 198 0.38 -13.49 19.63
N GLY A 199 1.02 -12.35 19.38
CA GLY A 199 2.47 -12.31 19.32
C GLY A 199 3.17 -12.73 20.59
N THR A 200 2.56 -12.51 21.74
CA THR A 200 3.22 -12.83 23.00
C THR A 200 3.13 -14.33 23.28
N VAL A 201 2.09 -15.01 22.76
CA VAL A 201 1.84 -16.41 23.08
C VAL A 201 2.66 -17.37 22.24
N VAL A 202 3.42 -16.87 21.26
CA VAL A 202 4.23 -17.69 20.36
C VAL A 202 5.58 -17.02 20.14
N GLY A 203 6.46 -17.73 19.45
CA GLY A 203 7.77 -17.21 19.12
C GLY A 203 8.61 -16.80 20.31
N LEU A 204 8.22 -17.21 21.53
CA LEU A 204 8.97 -16.86 22.73
C LEU A 204 9.27 -18.11 23.56
N LEU A 205 10.54 -18.42 23.69
CA LEU A 205 11.01 -19.39 24.68
C LEU A 205 10.35 -20.75 24.45
N ASN A 206 10.81 -21.39 23.38
CA ASN A 206 10.53 -22.78 23.00
C ASN A 206 9.19 -22.97 22.30
N ILE A 207 8.48 -21.91 21.95
CA ILE A 207 7.14 -22.02 21.38
C ILE A 207 7.12 -21.43 19.98
N ARG A 208 6.91 -22.29 18.98
CA ARG A 208 6.84 -21.87 17.59
C ARG A 208 5.38 -21.76 17.17
N MET A 209 5.07 -20.73 16.40
CA MET A 209 3.71 -20.48 15.92
C MET A 209 3.44 -21.34 14.70
N VAL A 210 2.43 -22.19 14.81
CA VAL A 210 1.95 -22.96 13.68
C VAL A 210 0.69 -22.28 13.20
N GLY A 211 0.67 -21.85 11.95
CA GLY A 211 -0.42 -21.04 11.50
C GLY A 211 -0.68 -21.26 10.03
N LYS A 212 -1.73 -20.62 9.55
CA LYS A 212 -2.07 -20.66 8.16
C LYS A 212 -2.33 -19.25 7.66
N ALA A 213 -2.28 -19.08 6.35
CA ALA A 213 -2.85 -17.89 5.73
C ALA A 213 -4.38 -17.98 5.83
N SER A 214 -4.99 -16.96 6.41
CA SER A 214 -6.43 -16.90 6.62
C SER A 214 -7.16 -16.56 5.33
N GLU A 215 -8.50 -16.67 5.37
CA GLU A 215 -9.30 -16.40 4.19
C GLU A 215 -9.20 -14.97 3.76
N THR A 216 -8.71 -14.08 4.63
CA THR A 216 -8.54 -12.66 4.30
C THR A 216 -7.08 -12.26 4.08
N GLY A 217 -6.15 -13.20 4.10
CA GLY A 217 -4.75 -12.87 3.88
C GLY A 217 -4.00 -12.40 5.10
N THR A 218 -4.33 -12.92 6.28
CA THR A 218 -3.74 -12.54 7.55
C THR A 218 -3.16 -13.77 8.22
N LEU A 219 -2.34 -13.54 9.24
CA LEU A 219 -1.85 -14.66 10.02
C LEU A 219 -2.96 -15.20 10.91
N GLU A 220 -3.10 -16.52 10.94
CA GLU A 220 -4.06 -17.15 11.82
C GLU A 220 -3.42 -18.32 12.55
N LEU A 221 -3.54 -18.33 13.84
CA LEU A 221 -2.92 -19.35 14.66
C LEU A 221 -3.70 -20.64 14.59
N LEU A 222 -2.96 -21.75 14.63
CA LEU A 222 -3.53 -23.08 14.58
C LEU A 222 -3.05 -23.93 15.74
N GLN A 223 -1.76 -23.88 16.02
CA GLN A 223 -1.19 -24.66 17.10
C GLN A 223 0.03 -23.92 17.62
N LYS A 224 0.27 -24.10 18.90
CA LYS A 224 1.54 -23.77 19.50
C LYS A 224 2.25 -25.09 19.70
N ALA A 225 3.47 -25.21 19.23
CA ALA A 225 4.24 -26.44 19.40
C ALA A 225 5.49 -26.14 20.19
N ARG A 226 5.71 -26.89 21.26
CA ARG A 226 6.89 -26.71 22.12
C ARG A 226 8.00 -27.58 21.55
N GLY A 227 8.88 -26.98 20.77
CA GLY A 227 10.08 -27.63 20.30
C GLY A 227 9.95 -28.03 18.84
N SER A 228 11.05 -28.55 18.33
CA SER A 228 11.09 -28.91 16.91
C SER A 228 10.20 -30.10 16.62
N LYS A 229 10.56 -31.27 17.16
CA LYS A 229 9.83 -32.50 16.81
C LYS A 229 8.32 -32.32 16.94
N LYS A 230 7.87 -31.54 17.93
CA LYS A 230 6.47 -31.19 18.01
C LYS A 230 6.06 -30.24 16.88
N SER A 231 6.99 -29.42 16.40
CA SER A 231 6.69 -28.55 15.26
C SER A 231 6.46 -29.37 14.00
N VAL A 232 7.26 -30.41 13.79
CA VAL A 232 7.07 -31.21 12.59
C VAL A 232 5.76 -31.98 12.67
N GLN A 233 5.50 -32.64 13.81
CA GLN A 233 4.25 -33.36 13.96
C GLN A 233 3.05 -32.46 13.71
N ALA A 234 3.08 -31.24 14.26
CA ALA A 234 1.95 -30.33 14.10
C ALA A 234 1.76 -29.96 12.66
N ALA A 235 2.86 -29.67 11.96
CA ALA A 235 2.79 -29.31 10.55
C ALA A 235 2.28 -30.46 9.69
N TYR A 236 2.70 -31.67 9.99
CA TYR A 236 2.18 -32.84 9.30
C TYR A 236 0.70 -33.03 9.59
N ASP A 237 0.31 -32.97 10.86
CA ASP A 237 -1.08 -33.13 11.22
C ASP A 237 -1.94 -32.06 10.55
N GLU A 238 -1.48 -30.82 10.56
CA GLU A 238 -2.29 -29.78 9.97
C GLU A 238 -2.40 -29.96 8.46
N LEU A 239 -1.37 -30.50 7.84
CA LEU A 239 -1.46 -30.78 6.42
C LEU A 239 -2.55 -31.82 6.15
N VAL A 240 -2.52 -32.91 6.91
CA VAL A 240 -3.55 -33.93 6.77
C VAL A 240 -4.93 -33.32 6.99
N LYS A 241 -5.11 -32.58 8.09
CA LYS A 241 -6.42 -32.05 8.45
C LYS A 241 -6.95 -31.14 7.35
N ALA A 242 -6.04 -30.45 6.67
CA ALA A 242 -6.44 -29.49 5.65
C ALA A 242 -6.83 -30.14 4.34
N GLY A 243 -6.49 -31.39 4.14
CA GLY A 243 -6.88 -32.10 2.96
C GLY A 243 -5.81 -32.33 1.94
N TYR A 244 -4.54 -32.29 2.32
CA TYR A 244 -3.46 -32.69 1.41
C TYR A 244 -3.69 -34.14 0.98
N ALA A 245 -3.36 -34.43 -0.28
CA ALA A 245 -3.62 -35.76 -0.85
C ALA A 245 -2.52 -36.18 -1.82
N GLY A 246 -1.26 -35.81 -1.54
CA GLY A 246 -0.13 -36.22 -2.33
C GLY A 246 0.30 -35.29 -3.45
N GLY A 247 -0.29 -34.08 -3.55
CA GLY A 247 0.07 -33.10 -4.56
C GLY A 247 1.37 -32.36 -4.32
N ARG A 248 1.47 -31.19 -4.92
CA ARG A 248 2.70 -30.43 -4.84
C ARG A 248 2.81 -29.70 -3.50
N ILE A 249 4.04 -29.65 -2.98
CA ILE A 249 4.39 -28.81 -1.86
C ILE A 249 5.63 -28.02 -2.22
N VAL A 250 5.66 -26.76 -1.77
CA VAL A 250 6.83 -25.88 -1.81
C VAL A 250 7.08 -25.39 -0.40
N MET A 251 8.21 -25.78 0.18
CA MET A 251 8.62 -25.34 1.50
C MET A 251 9.68 -24.26 1.35
N ALA A 252 9.30 -23.01 1.56
CA ALA A 252 10.24 -21.90 1.68
C ALA A 252 10.71 -21.79 3.12
N GLN A 253 12.01 -21.85 3.35
CA GLN A 253 12.54 -21.91 4.69
C GLN A 253 13.74 -21.00 4.87
N ARG A 254 13.94 -20.55 6.11
CA ARG A 254 15.09 -19.75 6.53
C ARG A 254 15.87 -20.56 7.54
N ASN A 255 16.97 -21.13 7.12
CA ASN A 255 17.83 -21.90 8.00
C ASN A 255 17.02 -22.96 8.75
N ASN A 256 16.20 -23.66 8.00
CA ASN A 256 15.35 -24.71 8.53
C ASN A 256 15.39 -25.94 7.63
N GLU A 257 16.53 -26.20 7.00
CA GLU A 257 16.61 -27.31 6.05
C GLU A 257 16.43 -28.66 6.74
N LYS A 258 16.89 -28.80 7.98
CA LYS A 258 16.79 -30.11 8.61
C LYS A 258 15.35 -30.43 8.97
N CYS A 259 14.59 -29.43 9.45
CA CYS A 259 13.20 -29.67 9.79
C CYS A 259 12.38 -29.89 8.54
N CYS A 260 12.81 -29.27 7.44
CA CYS A 260 12.15 -29.50 6.16
C CYS A 260 12.45 -30.88 5.58
N GLN A 261 13.68 -31.40 5.71
CA GLN A 261 13.94 -32.75 5.22
C GLN A 261 13.21 -33.79 6.05
N GLN A 262 13.05 -33.59 7.35
CA GLN A 262 12.40 -34.60 8.17
C GLN A 262 10.89 -34.59 7.96
N LEU A 263 10.31 -33.41 7.74
CA LEU A 263 8.91 -33.32 7.36
C LEU A 263 8.68 -33.92 5.98
N SER A 264 9.57 -33.64 5.02
CA SER A 264 9.46 -34.17 3.66
C SER A 264 9.46 -35.69 3.65
N GLU A 265 10.38 -36.31 4.38
CA GLU A 265 10.39 -37.75 4.45
C GLU A 265 9.07 -38.28 5.00
N ARG A 266 8.59 -37.71 6.12
CA ARG A 266 7.33 -38.17 6.72
C ARG A 266 6.19 -38.08 5.73
N ILE A 267 6.12 -36.98 5.00
CA ILE A 267 5.07 -36.81 4.01
C ILE A 267 5.22 -37.81 2.89
N ARG A 268 6.47 -38.07 2.47
CA ARG A 268 6.68 -39.03 1.39
C ARG A 268 6.43 -40.44 1.87
N GLU A 269 6.70 -40.69 3.15
CA GLU A 269 6.38 -42.01 3.70
C GLU A 269 4.88 -42.26 3.66
N THR A 270 4.08 -41.23 3.97
CA THR A 270 2.63 -41.37 3.96
C THR A 270 2.03 -41.25 2.57
N PHE A 271 2.56 -40.36 1.74
CA PHE A 271 2.02 -40.04 0.43
C PHE A 271 3.16 -40.25 -0.56
N PRO A 272 3.37 -41.49 -1.06
CA PRO A 272 4.61 -41.79 -1.80
C PRO A 272 4.84 -40.97 -3.08
N GLN A 273 3.81 -40.40 -3.69
CA GLN A 273 3.93 -39.65 -4.92
C GLN A 273 4.16 -38.16 -4.71
N ALA A 274 4.34 -37.71 -3.47
CA ALA A 274 4.44 -36.28 -3.20
C ALA A 274 5.58 -35.66 -3.98
N ASP A 275 5.31 -34.46 -4.50
CA ASP A 275 6.25 -33.71 -5.32
C ASP A 275 6.58 -32.51 -4.45
N ILE A 276 7.70 -32.59 -3.76
CA ILE A 276 8.08 -31.57 -2.80
C ILE A 276 9.34 -30.89 -3.27
N LYS A 277 9.35 -29.55 -3.17
CA LYS A 277 10.50 -28.69 -3.36
C LYS A 277 10.80 -27.94 -2.07
N ILE A 278 12.07 -27.71 -1.78
CA ILE A 278 12.49 -26.91 -0.64
C ILE A 278 13.29 -25.74 -1.22
N LEU A 279 12.85 -24.51 -0.91
CA LEU A 279 13.49 -23.31 -1.43
C LEU A 279 13.93 -22.40 -0.30
N PRO A 280 15.04 -21.69 -0.45
CA PRO A 280 15.38 -20.68 0.53
C PRO A 280 14.44 -19.48 0.42
N THR A 281 14.12 -18.89 1.55
CA THR A 281 13.28 -17.72 1.55
C THR A 281 13.96 -16.53 0.88
N SER A 282 13.14 -15.63 0.35
CA SER A 282 13.59 -14.34 -0.13
C SER A 282 14.02 -13.47 1.04
N GLY A 283 14.55 -12.29 0.70
CA GLY A 283 14.91 -11.34 1.74
C GLY A 283 13.72 -10.92 2.56
N LEU A 284 12.61 -10.64 1.89
CA LEU A 284 11.40 -10.25 2.57
C LEU A 284 10.88 -11.38 3.42
N CYS A 285 10.77 -12.56 2.85
CA CYS A 285 10.24 -13.67 3.61
C CYS A 285 11.18 -14.06 4.72
N SER A 286 12.49 -13.96 4.52
CA SER A 286 13.42 -14.21 5.61
C SER A 286 13.22 -13.21 6.74
N PHE A 287 12.98 -11.97 6.37
CA PHE A 287 12.84 -10.92 7.36
C PHE A 287 11.66 -11.18 8.26
N TYR A 288 10.57 -11.62 7.69
CA TYR A 288 9.35 -11.78 8.48
C TYR A 288 9.19 -13.16 9.06
N ALA A 289 9.62 -14.18 8.36
CA ALA A 289 9.53 -15.51 8.95
C ALA A 289 10.63 -15.75 9.96
N GLU A 290 11.76 -15.07 9.78
CA GLU A 290 12.89 -15.08 10.70
C GLU A 290 13.58 -16.42 10.79
N GLU A 291 14.59 -16.50 11.63
CA GLU A 291 15.45 -17.67 11.63
C GLU A 291 14.69 -18.88 12.14
N GLY A 292 14.85 -19.98 11.43
CA GLY A 292 14.12 -21.19 11.69
C GLY A 292 12.75 -21.24 11.08
N GLY A 293 12.36 -20.22 10.32
CA GLY A 293 11.00 -20.13 9.84
C GLY A 293 10.75 -20.99 8.62
N LEU A 294 9.48 -21.30 8.43
CA LEU A 294 9.02 -22.11 7.31
C LEU A 294 7.71 -21.58 6.80
N LEU A 295 7.61 -21.43 5.48
CA LEU A 295 6.37 -21.06 4.81
C LEU A 295 6.12 -22.11 3.73
N MET A 296 5.22 -23.02 4.01
CA MET A 296 4.98 -24.16 3.15
C MET A 296 3.68 -23.96 2.37
N GLY A 297 3.81 -23.88 1.05
CA GLY A 297 2.65 -23.91 0.18
C GLY A 297 2.36 -25.33 -0.27
N TYR A 298 1.07 -25.62 -0.47
CA TYR A 298 0.68 -26.98 -0.82
C TYR A 298 -0.67 -27.02 -1.52
N GLU A 299 -0.88 -28.13 -2.22
CA GLU A 299 -2.13 -28.39 -2.93
C GLU A 299 -3.05 -29.27 -2.11
N ILE A 300 -4.36 -28.99 -2.18
CA ILE A 300 -5.41 -29.84 -1.63
C ILE A 300 -6.39 -30.26 -2.73
N ASP A 301 -7.18 -31.29 -2.43
CA ASP A 301 -8.32 -31.77 -3.25
C ASP A 301 -8.49 -31.32 -4.73
N MET B 21 -14.23 9.22 26.28
CA MET B 21 -14.25 10.70 26.34
C MET B 21 -13.08 11.31 25.60
N THR B 22 -12.04 10.52 25.27
CA THR B 22 -10.87 11.03 24.56
C THR B 22 -10.96 10.71 23.08
N TRP B 23 -10.62 11.69 22.27
CA TRP B 23 -10.73 11.55 20.83
C TRP B 23 -9.41 11.86 20.14
N LYS B 24 -9.16 11.18 19.04
CA LYS B 24 -8.04 11.50 18.17
C LYS B 24 -8.54 11.58 16.74
N ILE B 25 -8.09 12.64 16.05
CA ILE B 25 -8.27 12.77 14.62
C ILE B 25 -6.89 12.61 14.02
N ILE B 26 -6.73 11.56 13.22
CA ILE B 26 -5.45 11.19 12.65
C ILE B 26 -5.56 11.31 11.14
N ALA B 27 -4.62 11.99 10.53
CA ALA B 27 -4.53 12.08 9.08
C ALA B 27 -3.14 11.69 8.63
N ASP B 28 -3.00 11.36 7.36
CA ASP B 28 -1.67 11.24 6.78
C ASP B 28 -1.23 12.60 6.23
N SER B 29 0.03 12.68 5.81
CA SER B 29 0.51 13.98 5.35
C SER B 29 -0.03 14.36 3.95
N GLY B 30 -1.03 13.63 3.45
CA GLY B 30 -1.92 14.13 2.39
C GLY B 30 -2.81 15.26 2.86
N CYS B 31 -2.97 15.39 4.16
CA CYS B 31 -3.55 16.55 4.80
C CYS B 31 -2.48 17.59 5.03
N ASP B 32 -2.84 18.85 4.83
CA ASP B 32 -1.90 19.94 4.94
C ASP B 32 -1.78 20.53 6.34
N TYR B 33 -2.56 20.07 7.30
CA TYR B 33 -2.44 20.54 8.66
C TYR B 33 -1.38 19.77 9.42
N ARG B 34 -0.61 20.49 10.24
CA ARG B 34 0.22 19.86 11.26
C ARG B 34 -0.40 19.95 12.65
N GLN B 35 -1.32 20.89 12.82
CA GLN B 35 -2.09 21.08 14.04
C GLN B 35 -3.37 21.78 13.64
N LEU B 36 -4.36 21.64 14.46
CA LEU B 36 -5.60 22.33 14.22
C LEU B 36 -5.67 23.62 15.00
N PRO B 37 -6.34 24.63 14.46
CA PRO B 37 -6.36 25.91 15.17
C PRO B 37 -7.16 25.87 16.44
N THR B 38 -8.27 25.17 16.46
CA THR B 38 -9.11 25.04 17.65
C THR B 38 -9.53 23.59 17.87
N PRO B 39 -8.62 22.76 18.36
CA PRO B 39 -9.01 21.39 18.69
C PRO B 39 -10.17 21.34 19.68
N ALA B 40 -11.05 20.36 19.49
CA ALA B 40 -12.12 20.16 20.46
C ALA B 40 -11.57 19.64 21.77
N ILE B 41 -12.36 19.82 22.82
CA ILE B 41 -11.98 19.33 24.11
C ILE B 41 -11.77 17.83 24.03
N ASN B 42 -10.73 17.34 24.70
CA ASN B 42 -10.47 15.90 24.80
C ASN B 42 -10.07 15.29 23.48
N THR B 43 -9.53 16.11 22.57
CA THR B 43 -9.27 15.75 21.19
C THR B 43 -7.88 16.17 20.73
N THR B 44 -7.12 15.21 20.24
CA THR B 44 -5.78 15.44 19.70
C THR B 44 -5.75 15.18 18.20
N PHE B 45 -5.14 16.09 17.46
CA PHE B 45 -4.83 15.87 16.06
C PHE B 45 -3.43 15.32 15.88
N VAL B 46 -3.31 14.31 15.02
CA VAL B 46 -2.07 13.65 14.70
C VAL B 46 -1.91 13.63 13.19
N SER B 47 -0.76 14.04 12.72
CA SER B 47 -0.39 13.86 11.33
C SER B 47 0.63 12.75 11.23
N VAL B 48 0.32 11.72 10.47
CA VAL B 48 1.22 10.59 10.25
C VAL B 48 1.93 10.78 8.93
N PRO B 49 3.26 10.89 8.91
CA PRO B 49 3.94 11.37 7.70
C PRO B 49 4.20 10.28 6.66
N LEU B 50 4.07 10.67 5.39
CA LEU B 50 4.64 9.90 4.29
C LEU B 50 6.11 10.29 4.13
N THR B 51 6.79 9.61 3.20
CA THR B 51 8.19 9.89 2.96
C THR B 51 8.43 10.13 1.50
N ILE B 52 9.45 10.94 1.24
CA ILE B 52 9.94 11.22 -0.10
C ILE B 52 11.42 10.87 -0.10
N GLN B 53 11.80 10.03 -1.05
CA GLN B 53 13.17 9.61 -1.22
C GLN B 53 13.71 10.28 -2.46
N VAL B 54 14.75 11.09 -2.29
CA VAL B 54 15.43 11.77 -3.37
C VAL B 54 16.84 11.24 -3.38
N ALA B 55 17.14 10.38 -4.34
CA ALA B 55 18.42 9.66 -4.40
C ALA B 55 18.71 8.94 -3.09
N ASP B 56 19.73 9.38 -2.35
CA ASP B 56 20.05 8.74 -1.07
C ASP B 56 19.17 9.24 0.08
N GLN B 57 18.67 10.48 0.00
CA GLN B 57 18.05 11.16 1.13
C GLN B 57 16.59 10.80 1.19
N VAL B 58 16.12 10.52 2.39
CA VAL B 58 14.71 10.36 2.66
C VAL B 58 14.22 11.54 3.47
N PHE B 59 13.23 12.26 2.97
CA PHE B 59 12.60 13.34 3.70
C PHE B 59 11.30 12.83 4.31
N VAL B 60 11.14 13.05 5.60
CA VAL B 60 9.96 12.63 6.34
C VAL B 60 9.02 13.82 6.39
N ASP B 61 7.80 13.64 5.89
CA ASP B 61 6.85 14.74 5.80
C ASP B 61 6.06 14.92 7.11
N ASP B 62 6.80 15.27 8.14
CA ASP B 62 6.21 15.78 9.37
C ASP B 62 6.48 17.29 9.47
N ALA B 63 6.07 17.84 10.60
CA ALA B 63 6.12 19.29 10.77
C ALA B 63 7.54 19.83 10.71
N SER B 64 8.53 19.02 11.01
CA SER B 64 9.93 19.45 11.00
C SER B 64 10.57 19.50 9.61
N LEU B 65 9.82 19.21 8.54
CA LEU B 65 10.43 19.11 7.22
C LEU B 65 10.56 20.50 6.63
N ASP B 66 11.75 20.79 6.11
CA ASP B 66 11.97 21.99 5.31
C ASP B 66 11.52 21.67 3.90
N ILE B 67 10.31 22.09 3.56
CA ILE B 67 9.71 21.68 2.31
C ILE B 67 10.45 22.26 1.13
N ASP B 68 10.79 23.56 1.22
CA ASP B 68 11.53 24.21 0.14
C ASP B 68 12.83 23.49 -0.14
N GLN B 69 13.50 23.04 0.91
CA GLN B 69 14.74 22.31 0.75
C GLN B 69 14.51 20.98 0.08
N MET B 70 13.48 20.25 0.52
CA MET B 70 13.18 18.99 -0.15
C MET B 70 12.90 19.22 -1.62
N MET B 71 12.12 20.24 -1.94
CA MET B 71 11.72 20.44 -3.32
C MET B 71 12.89 20.86 -4.16
N GLU B 72 13.71 21.77 -3.64
CA GLU B 72 14.95 22.15 -4.30
C GLU B 72 15.82 20.94 -4.61
N THR B 73 16.08 20.10 -3.62
CA THR B 73 16.87 18.89 -3.86
C THR B 73 16.20 17.97 -4.85
N MET B 74 14.88 17.86 -4.77
CA MET B 74 14.17 17.03 -5.72
C MET B 74 14.39 17.53 -7.13
N TYR B 75 14.19 18.82 -7.35
CA TYR B 75 14.31 19.34 -8.69
C TYR B 75 15.75 19.27 -9.17
N ALA B 76 16.71 19.30 -8.27
CA ALA B 76 18.11 19.26 -8.67
C ALA B 76 18.58 17.86 -9.02
N THR B 77 17.80 16.85 -8.70
CA THR B 77 18.21 15.48 -8.88
C THR B 77 17.57 14.97 -10.15
N ALA B 78 18.42 14.41 -11.01
CA ALA B 78 17.98 13.90 -12.30
C ALA B 78 17.12 12.66 -12.15
N GLU B 79 17.58 11.69 -11.36
CA GLU B 79 16.79 10.48 -11.20
C GLU B 79 15.45 10.76 -10.51
N ALA B 80 14.45 9.95 -10.85
CA ALA B 80 13.12 10.12 -10.31
C ALA B 80 13.16 9.98 -8.79
N SER B 81 12.50 10.90 -8.12
CA SER B 81 12.27 10.79 -6.68
C SER B 81 10.96 10.06 -6.48
N LYS B 82 10.83 9.43 -5.32
CA LYS B 82 9.74 8.53 -5.03
C LYS B 82 9.15 8.85 -3.66
N SER B 83 7.94 8.40 -3.45
CA SER B 83 7.25 8.52 -2.17
C SER B 83 6.91 7.13 -1.63
N ALA B 84 6.59 7.09 -0.35
CA ALA B 84 6.14 5.84 0.25
C ALA B 84 5.17 6.15 1.37
N CYS B 85 4.22 5.24 1.59
CA CYS B 85 3.14 5.45 2.53
C CYS B 85 3.58 5.06 3.94
N PRO B 86 2.75 5.35 4.96
CA PRO B 86 3.07 4.88 6.31
C PRO B 86 2.87 3.38 6.43
N SER B 87 3.63 2.80 7.32
CA SER B 87 3.43 1.43 7.70
C SER B 87 2.27 1.36 8.67
N PRO B 88 1.68 0.19 8.83
CA PRO B 88 0.65 0.03 9.85
C PRO B 88 1.14 0.42 11.25
N ASP B 89 2.41 0.18 11.58
CA ASP B 89 2.83 0.47 12.93
C ASP B 89 2.90 1.96 13.20
N ASP B 90 3.11 2.76 12.16
CA ASP B 90 3.04 4.21 12.33
C ASP B 90 1.67 4.59 12.87
N TYR B 91 0.62 3.92 12.39
CA TYR B 91 -0.75 4.21 12.79
C TYR B 91 -1.08 3.67 14.16
N LEU B 92 -0.63 2.46 14.50
CA LEU B 92 -0.80 1.94 15.84
C LEU B 92 -0.18 2.87 16.88
N ARG B 93 1.01 3.39 16.59
CA ARG B 93 1.66 4.28 17.54
C ARG B 93 0.91 5.58 17.65
N ALA B 94 0.23 5.96 16.60
CA ALA B 94 -0.59 7.16 16.61
C ALA B 94 -1.91 6.97 17.35
N PHE B 95 -2.44 5.75 17.41
CA PHE B 95 -3.69 5.47 18.09
C PHE B 95 -3.59 5.56 19.58
N GLU B 96 -2.38 5.53 20.12
CA GLU B 96 -2.18 5.41 21.55
C GLU B 96 -2.85 6.55 22.30
N GLY B 97 -3.59 6.18 23.35
CA GLY B 97 -4.14 7.14 24.27
C GLY B 97 -5.46 7.75 23.89
N ALA B 98 -6.20 7.13 22.97
CA ALA B 98 -7.51 7.63 22.59
C ALA B 98 -8.43 6.44 22.46
N LYS B 99 -9.68 6.64 22.89
CA LYS B 99 -10.70 5.61 22.84
C LYS B 99 -11.64 5.78 21.67
N ASN B 100 -11.75 6.99 21.15
CA ASN B 100 -12.54 7.31 19.98
C ASN B 100 -11.61 7.89 18.92
N ILE B 101 -11.33 7.11 17.87
CA ILE B 101 -10.29 7.42 16.88
C ILE B 101 -10.92 7.52 15.49
N PHE B 102 -10.55 8.58 14.77
CA PHE B 102 -10.87 8.75 13.37
C PHE B 102 -9.60 8.97 12.57
N LEU B 103 -9.49 8.23 11.47
CA LEU B 103 -8.28 8.18 10.65
C LEU B 103 -8.70 8.43 9.20
N VAL B 104 -8.29 9.58 8.65
CA VAL B 104 -8.57 9.95 7.27
C VAL B 104 -7.30 9.80 6.45
N THR B 105 -7.42 9.12 5.33
CA THR B 105 -6.29 8.90 4.46
C THR B 105 -6.49 9.55 3.10
N ILE B 106 -5.37 9.89 2.49
CA ILE B 106 -5.27 10.17 1.07
C ILE B 106 -5.84 9.00 0.28
N THR B 107 -6.33 9.27 -0.92
CA THR B 107 -6.96 8.26 -1.76
C THR B 107 -6.27 6.90 -1.65
N GLY B 108 -7.03 5.90 -1.30
CA GLY B 108 -6.48 4.56 -1.25
C GLY B 108 -6.20 3.98 -2.60
N THR B 109 -6.73 4.59 -3.65
CA THR B 109 -6.49 4.08 -5.00
C THR B 109 -5.08 4.38 -5.46
N LEU B 110 -4.56 5.55 -5.10
CA LEU B 110 -3.24 5.97 -5.50
C LEU B 110 -2.20 5.69 -4.45
N SER B 111 -2.60 5.38 -3.23
CA SER B 111 -1.68 5.19 -2.13
C SER B 111 -2.09 3.95 -1.37
N GLY B 112 -1.09 3.33 -0.76
CA GLY B 112 -1.33 2.25 0.18
C GLY B 112 -1.54 2.70 1.61
N SER B 113 -1.69 4.00 1.83
CA SER B 113 -1.93 4.52 3.16
C SER B 113 -3.21 3.98 3.77
N HIS B 114 -4.28 3.98 2.99
CA HIS B 114 -5.55 3.41 3.45
C HIS B 114 -5.39 1.93 3.82
N ASN B 115 -4.82 1.14 2.93
CA ASN B 115 -4.53 -0.27 3.20
C ASN B 115 -3.81 -0.45 4.54
N SER B 116 -2.87 0.43 4.86
N SER B 116 -2.85 0.42 4.85
CA SER B 116 -2.11 0.25 6.10
CA SER B 116 -2.10 0.30 6.09
C SER B 116 -2.94 0.64 7.31
C SER B 116 -2.97 0.62 7.29
N ALA B 117 -3.71 1.73 7.20
CA ALA B 117 -4.60 2.12 8.27
C ALA B 117 -5.60 1.03 8.60
N GLN B 118 -6.18 0.40 7.58
CA GLN B 118 -7.16 -0.66 7.84
C GLN B 118 -6.55 -1.78 8.65
N LEU B 119 -5.32 -2.14 8.32
CA LEU B 119 -4.67 -3.19 9.07
C LEU B 119 -4.39 -2.76 10.50
N ALA B 120 -4.02 -1.50 10.70
CA ALA B 120 -3.73 -1.00 12.05
C ALA B 120 -4.96 -1.09 12.94
N LYS B 121 -6.11 -0.66 12.41
CA LYS B 121 -7.33 -0.76 13.19
C LYS B 121 -7.52 -2.18 13.71
N ASN B 122 -7.54 -3.13 12.81
CA ASN B 122 -7.88 -4.48 13.22
C ASN B 122 -6.90 -5.03 14.22
N ILE B 123 -5.62 -4.74 14.02
CA ILE B 123 -4.60 -5.20 14.95
C ILE B 123 -4.78 -4.48 16.27
N TYR B 124 -5.01 -3.19 16.22
CA TYR B 124 -5.19 -2.46 17.44
C TYR B 124 -6.38 -2.98 18.20
N LEU B 125 -7.45 -3.33 17.50
CA LEU B 125 -8.65 -3.75 18.19
C LEU B 125 -8.48 -5.10 18.84
N GLU B 126 -7.74 -6.02 18.23
CA GLU B 126 -7.50 -7.29 18.90
C GLU B 126 -6.83 -7.07 20.25
N ASP B 127 -5.93 -6.12 20.31
CA ASP B 127 -5.20 -5.79 21.51
C ASP B 127 -5.95 -4.82 22.40
N HIS B 128 -6.78 -3.96 21.83
CA HIS B 128 -7.53 -2.93 22.57
C HIS B 128 -8.98 -2.95 22.15
N PRO B 129 -9.71 -4.03 22.50
CA PRO B 129 -11.01 -4.28 21.86
C PRO B 129 -12.03 -3.17 22.01
N ASP B 130 -12.06 -2.48 23.13
CA ASP B 130 -13.10 -1.47 23.33
C ASP B 130 -12.67 -0.07 22.95
N THR B 131 -11.66 0.06 22.12
CA THR B 131 -11.46 1.24 21.31
C THR B 131 -12.50 1.25 20.18
N LYS B 132 -12.86 2.45 19.76
CA LYS B 132 -13.67 2.65 18.57
C LYS B 132 -12.82 3.38 17.55
N ILE B 133 -12.64 2.77 16.39
CA ILE B 133 -11.81 3.31 15.32
C ILE B 133 -12.61 3.31 14.02
N HIS B 134 -12.61 4.44 13.33
CA HIS B 134 -13.25 4.54 12.02
C HIS B 134 -12.28 5.13 11.02
N VAL B 135 -12.06 4.42 9.93
CA VAL B 135 -11.11 4.81 8.91
C VAL B 135 -11.88 5.33 7.71
N ILE B 136 -11.39 6.44 7.16
CA ILE B 136 -12.01 7.10 6.02
C ILE B 136 -11.01 7.14 4.89
N ASP B 137 -11.35 6.53 3.77
CA ASP B 137 -10.63 6.72 2.52
C ASP B 137 -11.19 7.97 1.88
N SER B 138 -10.38 9.01 1.87
CA SER B 138 -10.84 10.27 1.33
C SER B 138 -11.10 10.18 -0.15
N LEU B 139 -10.46 9.23 -0.84
CA LEU B 139 -10.45 9.21 -2.30
C LEU B 139 -10.04 10.57 -2.83
N SER B 140 -9.16 11.24 -2.11
CA SER B 140 -8.81 12.59 -2.49
C SER B 140 -7.49 12.98 -1.84
N ALA B 141 -7.28 14.27 -1.68
CA ALA B 141 -6.03 14.78 -1.16
C ALA B 141 -6.15 16.27 -0.90
N GLY B 142 -5.20 16.78 -0.14
CA GLY B 142 -5.06 18.21 -0.02
C GLY B 142 -6.25 18.85 0.64
N GLY B 143 -6.81 19.87 0.00
CA GLY B 143 -7.85 20.68 0.62
C GLY B 143 -9.15 19.96 0.91
N GLU B 144 -9.50 18.95 0.13
CA GLU B 144 -10.66 18.14 0.49
C GLU B 144 -10.43 17.40 1.80
N VAL B 145 -9.25 16.79 1.95
CA VAL B 145 -8.92 16.13 3.21
C VAL B 145 -8.93 17.14 4.35
N ASP B 146 -8.40 18.32 4.11
CA ASP B 146 -8.40 19.35 5.13
C ASP B 146 -9.84 19.69 5.57
N LEU B 147 -10.78 19.74 4.62
CA LEU B 147 -12.17 19.96 4.98
C LEU B 147 -12.71 18.81 5.82
N LEU B 148 -12.38 17.59 5.45
CA LEU B 148 -12.88 16.46 6.23
C LEU B 148 -12.34 16.50 7.66
N VAL B 149 -11.08 16.85 7.81
CA VAL B 149 -10.51 16.90 9.15
C VAL B 149 -11.18 17.99 9.98
N GLU B 150 -11.36 19.18 9.41
CA GLU B 150 -12.05 20.24 10.12
C GLU B 150 -13.46 19.85 10.54
N LYS B 151 -14.18 19.13 9.68
CA LYS B 151 -15.54 18.78 10.04
C LYS B 151 -15.59 17.77 11.16
N LEU B 152 -14.65 16.84 11.22
CA LEU B 152 -14.63 15.92 12.32
C LEU B 152 -14.51 16.65 13.64
N ASN B 153 -13.65 17.65 13.70
CA ASN B 153 -13.47 18.41 14.93
C ASN B 153 -14.75 19.15 15.30
N ASP B 154 -15.46 19.70 14.32
CA ASP B 154 -16.72 20.37 14.60
C ASP B 154 -17.72 19.40 15.23
N LEU B 155 -17.84 18.22 14.68
CA LEU B 155 -18.84 17.27 15.16
C LEU B 155 -18.54 16.83 16.58
N ILE B 156 -17.26 16.65 16.92
CA ILE B 156 -16.92 16.33 18.31
C ILE B 156 -17.29 17.50 19.20
N ASP B 157 -16.97 18.70 18.76
CA ASP B 157 -17.26 19.87 19.56
C ASP B 157 -18.74 19.97 19.84
N GLN B 158 -19.54 19.60 18.90
CA GLN B 158 -20.98 19.71 19.09
C GLN B 158 -21.53 18.66 19.99
N GLY B 159 -20.69 17.84 20.61
CA GLY B 159 -21.19 16.89 21.57
C GLY B 159 -21.79 15.62 20.99
N LEU B 160 -21.48 15.29 19.75
CA LEU B 160 -22.04 14.10 19.14
C LEU B 160 -21.35 12.86 19.66
N SER B 161 -22.05 11.75 19.60
CA SER B 161 -21.45 10.49 19.98
C SER B 161 -20.58 9.97 18.85
N PHE B 162 -19.72 9.01 19.19
CA PHE B 162 -18.84 8.44 18.17
C PHE B 162 -19.67 7.91 17.01
N GLU B 163 -20.81 7.32 17.30
CA GLU B 163 -21.62 6.74 16.25
C GLU B 163 -22.29 7.81 15.42
N GLU B 164 -22.65 8.94 16.03
CA GLU B 164 -23.28 10.02 15.30
C GLU B 164 -22.27 10.74 14.43
N VAL B 165 -21.00 10.75 14.85
CA VAL B 165 -19.95 11.37 14.05
C VAL B 165 -19.75 10.59 12.76
N VAL B 166 -19.65 9.26 12.87
CA VAL B 166 -19.55 8.39 11.69
C VAL B 166 -20.68 8.65 10.69
N GLU B 167 -21.93 8.61 11.14
CA GLU B 167 -23.06 8.88 10.25
C GLU B 167 -22.92 10.25 9.58
N ALA B 168 -22.52 11.26 10.32
CA ALA B 168 -22.57 12.60 9.75
C ALA B 168 -21.37 12.87 8.85
N ILE B 169 -20.22 12.31 9.15
CA ILE B 169 -19.07 12.51 8.29
C ILE B 169 -19.23 11.71 7.01
N THR B 170 -19.92 10.57 7.07
CA THR B 170 -20.24 9.84 5.86
C THR B 170 -21.13 10.68 4.95
N ALA B 171 -22.10 11.35 5.54
CA ALA B 171 -22.98 12.21 4.76
C ALA B 171 -22.21 13.37 4.17
N TYR B 172 -21.29 13.95 4.93
CA TYR B 172 -20.56 15.10 4.43
C TYR B 172 -19.63 14.73 3.28
N GLN B 173 -19.00 13.56 3.35
CA GLN B 173 -18.11 13.16 2.28
C GLN B 173 -18.74 13.27 0.91
N GLU B 174 -20.02 12.96 0.81
CA GLU B 174 -20.69 13.06 -0.47
C GLU B 174 -20.96 14.49 -0.89
N LYS B 175 -20.66 15.46 -0.03
CA LYS B 175 -20.83 16.87 -0.37
C LYS B 175 -19.50 17.62 -0.41
N THR B 176 -18.37 16.94 -0.29
CA THR B 176 -17.08 17.57 -0.51
C THR B 176 -16.48 17.06 -1.81
N LYS B 177 -15.74 17.93 -2.47
CA LYS B 177 -15.05 17.59 -3.71
C LYS B 177 -13.69 18.25 -3.72
N LEU B 178 -12.93 17.91 -4.77
CA LEU B 178 -11.59 18.44 -4.99
C LEU B 178 -11.45 18.87 -6.44
N LEU B 179 -10.95 20.08 -6.62
CA LEU B 179 -10.50 20.57 -7.89
C LEU B 179 -9.05 20.94 -7.75
N PHE B 180 -8.26 20.58 -8.73
CA PHE B 180 -6.86 20.89 -8.71
C PHE B 180 -6.47 21.53 -10.02
N VAL B 181 -5.45 22.35 -9.94
CA VAL B 181 -4.83 22.94 -11.12
C VAL B 181 -3.32 22.75 -11.02
N LEU B 182 -2.76 22.00 -11.95
CA LEU B 182 -1.34 21.68 -11.92
C LEU B 182 -0.63 22.23 -13.14
N ALA B 183 0.48 22.92 -12.91
CA ALA B 183 1.35 23.38 -13.98
C ALA B 183 2.34 22.32 -14.43
N LYS B 184 2.68 21.38 -13.54
CA LYS B 184 3.66 20.34 -13.80
C LYS B 184 3.12 19.03 -13.25
N VAL B 185 3.39 17.93 -13.95
CA VAL B 185 2.89 16.63 -13.54
C VAL B 185 3.91 15.51 -13.62
N ASP B 186 5.18 15.88 -13.72
CA ASP B 186 6.23 14.89 -13.93
C ASP B 186 6.34 13.90 -12.78
N ASN B 187 6.21 14.36 -11.55
CA ASN B 187 6.42 13.43 -10.43
C ASN B 187 5.29 12.42 -10.32
N LEU B 188 4.08 12.84 -10.66
CA LEU B 188 2.95 11.91 -10.77
C LEU B 188 3.22 10.85 -11.84
N VAL B 189 3.68 11.27 -13.01
CA VAL B 189 3.93 10.33 -14.09
C VAL B 189 5.07 9.38 -13.73
N LYS B 190 6.18 9.91 -13.27
CA LYS B 190 7.33 9.07 -12.99
C LYS B 190 7.04 8.08 -11.89
N ASN B 191 6.09 8.39 -11.02
CA ASN B 191 5.77 7.50 -9.92
C ASN B 191 4.59 6.60 -10.21
N GLY B 192 4.05 6.69 -11.41
CA GLY B 192 3.00 5.77 -11.82
C GLY B 192 1.62 6.15 -11.38
N ARG B 193 1.38 7.41 -11.08
CA ARG B 193 0.07 7.86 -10.64
C ARG B 193 -0.67 8.61 -11.73
N LEU B 194 -0.08 8.75 -12.90
CA LEU B 194 -0.72 9.42 -14.01
C LEU B 194 -0.06 8.89 -15.27
N SER B 195 -0.86 8.63 -16.29
CA SER B 195 -0.33 8.08 -17.53
C SER B 195 0.51 9.11 -18.27
N LYS B 196 1.48 8.59 -19.04
CA LYS B 196 2.27 9.43 -19.94
C LYS B 196 1.39 10.12 -20.97
N LEU B 197 0.35 9.42 -21.41
CA LEU B 197 -0.59 9.98 -22.38
C LEU B 197 -1.11 11.34 -21.94
N ILE B 198 -1.64 11.45 -20.72
CA ILE B 198 -2.09 12.75 -20.24
C ILE B 198 -0.93 13.73 -20.16
N GLY B 199 0.31 13.24 -19.95
CA GLY B 199 1.47 14.11 -19.89
C GLY B 199 1.90 14.69 -21.22
N THR B 200 1.64 13.98 -22.30
CA THR B 200 1.99 14.52 -23.62
C THR B 200 1.14 15.73 -23.96
N VAL B 201 0.02 15.94 -23.27
CA VAL B 201 -0.92 16.99 -23.65
C VAL B 201 -1.05 18.09 -22.62
N VAL B 202 -0.47 17.95 -21.43
CA VAL B 202 -0.66 18.90 -20.35
C VAL B 202 0.67 19.07 -19.62
N GLY B 203 0.71 19.98 -18.65
CA GLY B 203 1.94 20.22 -17.93
C GLY B 203 3.09 20.56 -18.84
N LEU B 204 2.79 21.13 -20.01
CA LEU B 204 3.80 21.61 -20.91
C LEU B 204 3.18 22.70 -21.75
N LEU B 205 3.91 23.16 -22.75
CA LEU B 205 3.47 24.21 -23.65
C LEU B 205 2.60 25.25 -22.97
N ASN B 206 2.87 25.52 -21.70
CA ASN B 206 2.10 26.46 -20.87
C ASN B 206 0.76 25.89 -20.42
N ILE B 207 0.50 24.61 -20.68
CA ILE B 207 -0.82 24.03 -20.42
C ILE B 207 -0.84 23.52 -18.99
N ARG B 208 -1.80 23.99 -18.21
CA ARG B 208 -2.04 23.54 -16.86
C ARG B 208 -3.24 22.59 -16.85
N MET B 209 -3.15 21.54 -16.07
CA MET B 209 -4.21 20.55 -15.96
C MET B 209 -5.19 21.01 -14.89
N VAL B 210 -6.44 21.18 -15.27
CA VAL B 210 -7.52 21.35 -14.33
C VAL B 210 -8.27 20.03 -14.24
N GLY B 211 -8.42 19.51 -13.03
CA GLY B 211 -8.98 18.19 -12.89
C GLY B 211 -9.69 18.11 -11.57
N LYS B 212 -10.26 16.94 -11.32
CA LYS B 212 -10.93 16.66 -10.08
C LYS B 212 -10.45 15.32 -9.56
N ALA B 213 -10.61 15.11 -8.26
CA ALA B 213 -10.57 13.75 -7.73
C ALA B 213 -11.78 12.99 -8.26
N SER B 214 -11.52 11.88 -8.94
CA SER B 214 -12.59 11.11 -9.56
C SER B 214 -13.37 10.33 -8.50
N GLU B 215 -14.41 9.66 -8.95
CA GLU B 215 -15.21 8.82 -8.09
C GLU B 215 -14.45 7.61 -7.56
N THR B 216 -13.29 7.26 -8.13
CA THR B 216 -12.44 6.20 -7.58
C THR B 216 -11.13 6.73 -7.00
N GLY B 217 -11.05 8.03 -6.75
CA GLY B 217 -9.92 8.60 -6.08
C GLY B 217 -8.73 8.74 -6.97
N THR B 218 -8.96 9.03 -8.26
CA THR B 218 -7.90 9.22 -9.23
C THR B 218 -8.03 10.61 -9.82
N LEU B 219 -7.02 11.01 -10.57
CA LEU B 219 -7.05 12.28 -11.27
C LEU B 219 -7.90 12.15 -12.52
N GLU B 220 -8.82 13.07 -12.67
CA GLU B 220 -9.72 13.15 -13.81
C GLU B 220 -9.57 14.54 -14.44
N LEU B 221 -9.04 14.59 -15.65
CA LEU B 221 -8.87 15.85 -16.34
C LEU B 221 -10.21 16.45 -16.69
N LEU B 222 -10.36 17.74 -16.45
CA LEU B 222 -11.56 18.47 -16.85
C LEU B 222 -11.27 19.44 -17.98
N GLN B 223 -10.20 20.21 -17.86
CA GLN B 223 -9.86 21.23 -18.84
C GLN B 223 -8.35 21.30 -19.00
N LYS B 224 -7.93 21.74 -20.18
CA LYS B 224 -6.53 22.07 -20.47
C LYS B 224 -6.47 23.58 -20.64
N ALA B 225 -5.93 24.28 -19.63
CA ALA B 225 -5.96 25.73 -19.61
C ALA B 225 -4.59 26.34 -19.89
N ARG B 226 -4.58 27.37 -20.74
CA ARG B 226 -3.33 28.02 -21.16
C ARG B 226 -3.15 29.30 -20.37
N GLY B 227 -2.19 29.29 -19.46
CA GLY B 227 -1.72 30.48 -18.79
C GLY B 227 -2.22 30.58 -17.37
N SER B 228 -1.92 31.72 -16.77
CA SER B 228 -2.41 32.05 -15.45
C SER B 228 -3.78 32.69 -15.53
N LYS B 229 -4.14 33.26 -16.68
CA LYS B 229 -5.44 33.90 -16.86
C LYS B 229 -6.52 32.86 -17.13
N LYS B 230 -6.37 32.08 -18.20
CA LYS B 230 -7.37 31.07 -18.51
C LYS B 230 -7.48 30.02 -17.42
N SER B 231 -6.48 29.93 -16.55
CA SER B 231 -6.44 28.92 -15.50
C SER B 231 -7.33 29.29 -14.32
N VAL B 232 -7.26 30.56 -13.88
CA VAL B 232 -8.09 30.99 -12.77
C VAL B 232 -9.55 30.97 -13.15
N GLN B 233 -9.84 31.25 -14.43
CA GLN B 233 -11.21 31.23 -14.92
C GLN B 233 -11.77 29.81 -15.04
N ALA B 234 -10.94 28.86 -15.43
CA ALA B 234 -11.40 27.50 -15.50
C ALA B 234 -11.77 26.98 -14.13
N ALA B 235 -10.99 27.34 -13.10
CA ALA B 235 -11.26 26.84 -11.75
C ALA B 235 -12.57 27.38 -11.23
N TYR B 236 -12.79 28.68 -11.41
CA TYR B 236 -14.07 29.28 -11.09
C TYR B 236 -15.20 28.54 -11.80
N ASP B 237 -15.07 28.35 -13.12
CA ASP B 237 -16.11 27.69 -13.90
C ASP B 237 -16.44 26.33 -13.35
N GLU B 238 -15.44 25.51 -13.09
CA GLU B 238 -15.68 24.16 -12.64
C GLU B 238 -16.26 24.11 -11.24
N LEU B 239 -15.90 25.08 -10.39
CA LEU B 239 -16.56 25.19 -9.10
C LEU B 239 -18.06 25.38 -9.25
N VAL B 240 -18.47 26.33 -10.09
CA VAL B 240 -19.90 26.55 -10.31
C VAL B 240 -20.58 25.33 -10.91
N LYS B 241 -19.97 24.70 -11.93
CA LYS B 241 -20.57 23.56 -12.59
C LYS B 241 -20.79 22.42 -11.63
N ALA B 242 -19.92 22.31 -10.64
CA ALA B 242 -19.99 21.22 -9.69
C ALA B 242 -21.03 21.42 -8.59
N GLY B 243 -21.62 22.62 -8.50
CA GLY B 243 -22.61 22.90 -7.49
C GLY B 243 -22.13 23.68 -6.28
N TYR B 244 -21.00 24.35 -6.35
CA TYR B 244 -20.58 25.21 -5.24
C TYR B 244 -21.62 26.29 -5.03
N ALA B 245 -21.98 26.50 -3.76
CA ALA B 245 -23.06 27.41 -3.40
C ALA B 245 -22.67 28.35 -2.25
N GLY B 246 -21.40 28.74 -2.16
CA GLY B 246 -20.94 29.64 -1.14
C GLY B 246 -20.53 29.02 0.17
N GLY B 247 -20.33 27.71 0.22
CA GLY B 247 -19.84 27.06 1.42
C GLY B 247 -18.34 27.18 1.59
N ARG B 248 -17.77 26.19 2.26
CA ARG B 248 -16.38 26.29 2.62
C ARG B 248 -15.49 25.83 1.49
N ILE B 249 -14.32 26.47 1.39
CA ILE B 249 -13.26 26.12 0.47
C ILE B 249 -11.95 26.11 1.22
N VAL B 250 -11.11 25.15 0.91
CA VAL B 250 -9.71 25.18 1.32
C VAL B 250 -8.87 25.04 0.06
N MET B 251 -8.04 26.04 -0.18
CA MET B 251 -7.08 26.02 -1.27
C MET B 251 -5.70 25.71 -0.69
N ALA B 252 -5.24 24.51 -0.89
CA ALA B 252 -3.89 24.14 -0.49
C ALA B 252 -3.00 24.41 -1.69
N GLN B 253 -1.94 25.17 -1.51
CA GLN B 253 -1.21 25.68 -2.65
C GLN B 253 0.30 25.65 -2.40
N ARG B 254 1.05 25.40 -3.48
CA ARG B 254 2.51 25.40 -3.48
C ARG B 254 2.94 26.59 -4.32
N ASN B 255 3.38 27.65 -3.66
CA ASN B 255 3.83 28.87 -4.33
C ASN B 255 2.83 29.31 -5.38
N ASN B 256 1.58 29.36 -4.99
CA ASN B 256 0.53 29.79 -5.89
C ASN B 256 -0.43 30.76 -5.20
N GLU B 257 0.00 31.39 -4.12
CA GLU B 257 -0.84 32.29 -3.37
C GLU B 257 -1.45 33.37 -4.25
N LYS B 258 -0.75 33.78 -5.30
CA LYS B 258 -1.28 34.87 -6.11
C LYS B 258 -2.61 34.45 -6.72
N CYS B 259 -2.58 33.40 -7.54
CA CYS B 259 -3.80 32.89 -8.17
C CYS B 259 -4.84 32.53 -7.13
N CYS B 260 -4.39 32.05 -5.97
CA CYS B 260 -5.31 31.72 -4.89
C CYS B 260 -6.03 32.96 -4.34
N GLN B 261 -5.34 34.10 -4.25
CA GLN B 261 -6.00 35.33 -3.86
C GLN B 261 -6.98 35.78 -4.94
N GLN B 262 -6.55 35.71 -6.19
CA GLN B 262 -7.42 36.10 -7.30
C GLN B 262 -8.70 35.29 -7.31
N LEU B 263 -8.55 33.97 -7.21
CA LEU B 263 -9.70 33.09 -7.25
C LEU B 263 -10.63 33.33 -6.07
N SER B 264 -10.06 33.45 -4.85
CA SER B 264 -10.86 33.76 -3.67
C SER B 264 -11.68 35.03 -3.86
N GLU B 265 -11.03 36.09 -4.34
CA GLU B 265 -11.73 37.34 -4.56
C GLU B 265 -12.94 37.12 -5.45
N ARG B 266 -12.73 36.48 -6.59
CA ARG B 266 -13.83 36.29 -7.51
C ARG B 266 -14.94 35.47 -6.88
N ILE B 267 -14.59 34.44 -6.12
CA ILE B 267 -15.61 33.65 -5.46
C ILE B 267 -16.41 34.49 -4.49
N ARG B 268 -15.72 35.26 -3.65
CA ARG B 268 -16.42 36.03 -2.62
C ARG B 268 -17.25 37.12 -3.25
N GLU B 269 -16.85 37.60 -4.39
CA GLU B 269 -17.68 38.59 -5.05
C GLU B 269 -18.96 38.00 -5.59
N THR B 270 -18.97 36.71 -5.91
CA THR B 270 -20.16 36.01 -6.40
C THR B 270 -20.93 35.36 -5.26
N PHE B 271 -20.22 34.85 -4.24
CA PHE B 271 -20.80 34.22 -3.06
C PHE B 271 -20.24 34.95 -1.85
N PRO B 272 -20.84 36.08 -1.46
CA PRO B 272 -20.23 36.88 -0.37
C PRO B 272 -20.03 36.08 0.92
N GLN B 273 -20.80 35.03 1.11
CA GLN B 273 -20.69 34.22 2.31
C GLN B 273 -19.55 33.22 2.24
N ALA B 274 -18.78 33.20 1.16
CA ALA B 274 -17.79 32.14 1.00
C ALA B 274 -16.78 32.17 2.13
N ASP B 275 -16.55 30.99 2.72
CA ASP B 275 -15.56 30.84 3.76
C ASP B 275 -14.36 30.09 3.20
N ILE B 276 -13.29 30.83 2.92
CA ILE B 276 -12.20 30.34 2.11
C ILE B 276 -10.93 30.41 2.92
N LYS B 277 -10.29 29.27 3.12
CA LYS B 277 -8.99 29.21 3.74
C LYS B 277 -7.94 28.90 2.69
N ILE B 278 -6.75 29.44 2.88
CA ILE B 278 -5.61 29.15 2.02
C ILE B 278 -4.47 28.64 2.89
N LEU B 279 -3.88 27.53 2.49
CA LEU B 279 -2.86 26.87 3.29
C LEU B 279 -1.75 26.39 2.39
N PRO B 280 -0.55 26.26 2.91
CA PRO B 280 0.51 25.67 2.12
C PRO B 280 0.38 24.16 2.11
N THR B 281 0.75 23.58 0.97
CA THR B 281 0.80 22.14 0.84
C THR B 281 1.89 21.52 1.71
N SER B 282 1.57 20.34 2.24
CA SER B 282 2.53 19.54 2.95
C SER B 282 3.64 19.19 1.99
N GLY B 283 4.67 18.50 2.47
CA GLY B 283 5.72 18.06 1.58
C GLY B 283 5.23 17.11 0.50
N LEU B 284 4.39 16.15 0.87
CA LEU B 284 3.90 15.20 -0.10
C LEU B 284 3.02 15.88 -1.12
N CYS B 285 2.10 16.71 -0.66
CA CYS B 285 1.29 17.44 -1.60
C CYS B 285 2.14 18.37 -2.45
N SER B 286 3.19 18.97 -1.88
CA SER B 286 4.10 19.82 -2.65
C SER B 286 4.84 19.01 -3.70
N PHE B 287 5.28 17.82 -3.31
CA PHE B 287 6.02 16.97 -4.22
C PHE B 287 5.18 16.61 -5.43
N TYR B 288 3.92 16.24 -5.20
CA TYR B 288 3.11 15.78 -6.31
C TYR B 288 2.36 16.90 -7.03
N ALA B 289 1.93 17.92 -6.35
CA ALA B 289 1.30 19.04 -7.04
C ALA B 289 2.33 19.97 -7.68
N GLU B 290 3.55 19.98 -7.16
CA GLU B 290 4.67 20.70 -7.74
C GLU B 290 4.51 22.22 -7.73
N GLU B 291 5.55 22.92 -8.13
CA GLU B 291 5.54 24.37 -7.96
C GLU B 291 4.39 24.98 -8.74
N GLY B 292 3.63 25.84 -8.05
CA GLY B 292 2.46 26.47 -8.63
C GLY B 292 1.16 25.71 -8.48
N GLY B 293 1.19 24.53 -7.85
CA GLY B 293 0.00 23.70 -7.77
C GLY B 293 -1.05 24.20 -6.79
N LEU B 294 -2.30 23.79 -7.06
CA LEU B 294 -3.44 24.10 -6.22
C LEU B 294 -4.28 22.85 -6.06
N LEU B 295 -4.61 22.51 -4.81
CA LEU B 295 -5.56 21.45 -4.46
C LEU B 295 -6.68 22.11 -3.67
N MET B 296 -7.82 22.32 -4.31
CA MET B 296 -8.88 23.09 -3.71
C MET B 296 -10.03 22.17 -3.31
N GLY B 297 -10.18 21.97 -2.04
CA GLY B 297 -11.32 21.26 -1.54
C GLY B 297 -12.45 22.23 -1.34
N TYR B 298 -13.67 21.72 -1.51
CA TYR B 298 -14.80 22.61 -1.41
C TYR B 298 -16.08 21.85 -1.12
N GLU B 299 -17.02 22.53 -0.47
CA GLU B 299 -18.37 22.04 -0.27
C GLU B 299 -19.26 22.41 -1.44
N ILE B 300 -20.11 21.47 -1.84
CA ILE B 300 -21.21 21.76 -2.75
C ILE B 300 -22.47 21.94 -1.92
N ASP B 301 -23.18 23.03 -2.17
CA ASP B 301 -24.16 23.50 -1.21
C ASP B 301 -23.54 23.60 0.19
#